data_7ZAV
#
_entry.id   7ZAV
#
_cell.length_a   100.488
_cell.length_b   100.488
_cell.length_c   90.620
_cell.angle_alpha   90.000
_cell.angle_beta   90.000
_cell.angle_gamma   120.000
#
_symmetry.space_group_name_H-M   'P 31 2 1'
#
loop_
_entity.id
_entity.type
_entity.pdbx_description
1 polymer Glypican-3
2 non-polymer 2-acetamido-2-deoxy-beta-D-glucopyranose
#
_entity_poly.entity_id   1
_entity_poly.type   'polypeptide(L)'
_entity_poly.pdbx_seq_one_letter_code
;ETGDATCHQVRSFFQRLQPGLKWVPETPVPGSDLQVCLPKGPTCCSRKMEEKYQLTARLNMEQLLQSASMELKFLIIQNA
AVFQEAFEIVVRHAKNYTNAMFKNNYPSLTPQAFEFVGEFFTDVSLYILGSDINVDDMVNELFDSLFPVIYTQMMNPGLP
ESVLDINECLRGARRDLKVFGSFPKLIMTQVSKSLQVTRIFLQALNLGIEVINTTDHLKFSKDCGRMLTRMWYCSYCQGL
MMVKPCGGYCNVVMQGCMAGVVEIDKYWREYILSLEELVNGMYRIYDMENVLLGLFSTIHDSIQYVQKNGGKLTTTIGKL
CAHSQQRQYRSAYYPEDLFIDKKILKVAHVEHEETLSSRRRELIQKLKSFINFYSALPGYICSHSPVAENDTLCWNGQEL
VERYSQKAARNGMKNQFNLHELKMKGPEPVVSQIIDKLKHINQLLRTMSVPKGKVGTKHHHHHH
;
_entity_poly.pdbx_strand_id   A
#
loop_
_chem_comp.id
_chem_comp.type
_chem_comp.name
_chem_comp.formula
NAG D-saccharide, beta linking 2-acetamido-2-deoxy-beta-D-glucopyranose 'C8 H15 N O6'
#
# COMPACT_ATOMS: atom_id res chain seq x y z
N SER A 32 -21.71 36.60 -27.97
CA SER A 32 -21.41 38.02 -27.80
C SER A 32 -20.80 38.28 -26.43
N ASP A 33 -21.30 37.60 -25.40
CA ASP A 33 -20.77 37.70 -24.05
C ASP A 33 -20.21 36.36 -23.55
N LEU A 34 -19.86 35.46 -24.47
CA LEU A 34 -19.36 34.16 -24.09
C LEU A 34 -17.91 34.25 -23.62
N GLN A 35 -17.50 33.31 -22.76
CA GLN A 35 -16.17 33.31 -22.19
C GLN A 35 -15.38 32.04 -22.48
N VAL A 36 -15.98 31.04 -23.11
CA VAL A 36 -15.27 29.82 -23.46
C VAL A 36 -15.41 29.57 -24.96
N CYS A 37 -16.64 29.40 -25.44
CA CYS A 37 -16.87 29.13 -26.86
C CYS A 37 -16.56 30.39 -27.68
N LEU A 38 -15.48 30.34 -28.45
CA LEU A 38 -15.09 31.45 -29.33
C LEU A 38 -16.14 31.64 -30.40
N PRO A 39 -16.94 32.72 -30.33
CA PRO A 39 -18.01 32.89 -31.32
C PRO A 39 -17.50 33.33 -32.68
N LYS A 40 -17.24 32.37 -33.56
CA LYS A 40 -16.76 32.69 -34.90
C LYS A 40 -17.88 33.27 -35.76
N GLY A 41 -19.02 32.61 -35.79
CA GLY A 41 -20.21 33.15 -36.42
C GLY A 41 -21.23 33.53 -35.38
N PRO A 42 -22.50 33.18 -35.62
CA PRO A 42 -23.50 33.29 -34.55
C PRO A 42 -23.29 32.21 -33.51
N THR A 43 -24.19 32.10 -32.54
CA THR A 43 -24.05 31.07 -31.52
C THR A 43 -25.42 30.73 -30.97
N CYS A 44 -25.70 29.44 -30.84
CA CYS A 44 -27.00 28.95 -30.38
C CYS A 44 -27.08 28.76 -28.87
N CYS A 45 -26.05 29.15 -28.13
CA CYS A 45 -26.02 28.97 -26.69
C CYS A 45 -25.67 30.28 -26.01
N SER A 46 -26.34 30.54 -24.89
CA SER A 46 -26.12 31.76 -24.13
C SER A 46 -24.93 31.59 -23.19
N ARG A 47 -24.81 32.48 -22.22
CA ARG A 47 -23.74 32.34 -21.25
C ARG A 47 -24.09 31.24 -20.25
N LYS A 48 -25.34 31.19 -19.77
CA LYS A 48 -25.75 30.16 -18.82
C LYS A 48 -25.59 28.76 -19.38
N MET A 49 -25.84 28.57 -20.69
CA MET A 49 -25.60 27.28 -21.31
C MET A 49 -24.11 26.93 -21.33
N GLU A 50 -23.24 27.92 -21.12
CA GLU A 50 -21.81 27.66 -21.09
C GLU A 50 -21.39 27.08 -19.75
N GLU A 51 -22.02 27.54 -18.66
CA GLU A 51 -21.91 26.85 -17.37
C GLU A 51 -22.23 25.37 -17.51
N LYS A 52 -23.46 25.08 -17.98
CA LYS A 52 -23.89 23.69 -18.10
C LYS A 52 -22.83 22.85 -18.79
N TYR A 53 -22.36 23.31 -19.96
CA TYR A 53 -21.35 22.58 -20.70
C TYR A 53 -20.04 22.47 -19.92
N GLN A 54 -19.69 23.48 -19.13
CA GLN A 54 -18.45 23.41 -18.36
C GLN A 54 -18.55 22.39 -17.23
N LEU A 55 -19.72 22.29 -16.59
CA LEU A 55 -19.86 21.34 -15.49
C LEU A 55 -19.92 19.91 -16.00
N THR A 56 -20.61 19.67 -17.12
CA THR A 56 -20.58 18.33 -17.72
C THR A 56 -19.19 17.98 -18.24
N ALA A 57 -18.40 18.98 -18.66
CA ALA A 57 -17.01 18.72 -18.99
C ALA A 57 -16.24 18.20 -17.79
N ARG A 58 -16.42 18.83 -16.63
CA ARG A 58 -15.84 18.31 -15.39
C ARG A 58 -16.32 16.88 -15.14
N LEU A 59 -17.64 16.66 -15.18
CA LEU A 59 -18.18 15.35 -14.88
C LEU A 59 -17.74 14.31 -15.91
N ASN A 60 -17.65 14.71 -17.19
CA ASN A 60 -17.23 13.76 -18.22
C ASN A 60 -15.78 13.34 -18.02
N MET A 61 -14.92 14.27 -17.60
CA MET A 61 -13.52 13.94 -17.36
C MET A 61 -13.37 12.98 -16.19
N GLU A 62 -14.06 13.26 -15.08
CA GLU A 62 -13.94 12.39 -13.91
C GLU A 62 -14.45 10.99 -14.21
N GLN A 63 -15.53 10.88 -14.98
CA GLN A 63 -16.04 9.57 -15.35
C GLN A 63 -15.04 8.81 -16.22
N LEU A 64 -14.40 9.51 -17.16
CA LEU A 64 -13.43 8.86 -18.04
C LEU A 64 -12.21 8.38 -17.26
N LEU A 65 -11.67 9.25 -16.39
CA LEU A 65 -10.57 8.84 -15.54
C LEU A 65 -10.97 7.66 -14.65
N GLN A 66 -12.17 7.73 -14.06
CA GLN A 66 -12.62 6.67 -13.18
C GLN A 66 -12.83 5.36 -13.94
N SER A 67 -13.29 5.43 -15.20
CA SER A 67 -13.41 4.22 -16.00
C SER A 67 -12.05 3.65 -16.37
N ALA A 68 -11.05 4.51 -16.53
CA ALA A 68 -9.70 4.04 -16.87
C ALA A 68 -9.04 3.37 -15.68
N SER A 69 -9.32 3.82 -14.46
CA SER A 69 -8.66 3.32 -13.27
C SER A 69 -9.45 2.26 -12.52
N MET A 70 -10.68 1.96 -12.94
CA MET A 70 -11.51 1.01 -12.20
C MET A 70 -10.87 -0.37 -12.14
N GLU A 71 -10.47 -0.91 -13.30
CA GLU A 71 -10.01 -2.29 -13.32
C GLU A 71 -8.72 -2.46 -12.52
N LEU A 72 -7.82 -1.48 -12.56
CA LEU A 72 -6.61 -1.58 -11.75
C LEU A 72 -6.91 -1.41 -10.27
N LYS A 73 -7.79 -0.46 -9.93
CA LYS A 73 -8.17 -0.27 -8.53
C LYS A 73 -8.73 -1.55 -7.94
N PHE A 74 -9.63 -2.22 -8.66
CA PHE A 74 -10.25 -3.43 -8.14
C PHE A 74 -9.25 -4.57 -8.03
N LEU A 75 -8.24 -4.60 -8.90
CA LEU A 75 -7.21 -5.63 -8.81
C LEU A 75 -6.47 -5.56 -7.49
N ILE A 76 -5.97 -4.38 -7.13
CA ILE A 76 -5.23 -4.24 -5.88
C ILE A 76 -6.16 -4.38 -4.68
N ILE A 77 -7.41 -3.93 -4.80
CA ILE A 77 -8.37 -4.07 -3.71
C ILE A 77 -8.61 -5.55 -3.40
N GLN A 78 -8.84 -6.35 -4.45
CA GLN A 78 -8.98 -7.78 -4.29
C GLN A 78 -7.80 -8.38 -3.53
N ASN A 79 -6.60 -8.13 -4.05
CA ASN A 79 -5.41 -8.77 -3.49
C ASN A 79 -5.13 -8.26 -2.08
N ALA A 80 -5.35 -6.97 -1.84
CA ALA A 80 -5.13 -6.41 -0.50
C ALA A 80 -6.02 -7.10 0.52
N ALA A 81 -7.28 -7.34 0.17
CA ALA A 81 -8.20 -8.00 1.08
C ALA A 81 -7.81 -9.46 1.31
N VAL A 82 -7.42 -10.16 0.26
CA VAL A 82 -7.05 -11.57 0.39
C VAL A 82 -5.78 -11.73 1.20
N PHE A 83 -4.73 -10.99 0.84
CA PHE A 83 -3.45 -11.14 1.52
C PHE A 83 -3.56 -10.78 2.99
N GLN A 84 -4.37 -9.77 3.32
CA GLN A 84 -4.56 -9.38 4.71
C GLN A 84 -5.13 -10.53 5.54
N GLU A 85 -6.13 -11.23 5.00
CA GLU A 85 -6.69 -12.36 5.73
C GLU A 85 -5.72 -13.54 5.75
N ALA A 86 -4.99 -13.75 4.65
CA ALA A 86 -4.07 -14.87 4.58
C ALA A 86 -2.95 -14.73 5.60
N PHE A 87 -2.44 -13.52 5.79
CA PHE A 87 -1.42 -13.29 6.80
C PHE A 87 -1.98 -13.51 8.21
N GLU A 88 -3.21 -13.06 8.44
CA GLU A 88 -3.81 -13.25 9.76
C GLU A 88 -4.05 -14.72 10.06
N ILE A 89 -4.39 -15.50 9.03
CA ILE A 89 -4.52 -16.96 9.21
C ILE A 89 -3.19 -17.55 9.64
N VAL A 90 -2.10 -17.08 9.02
CA VAL A 90 -0.78 -17.59 9.38
C VAL A 90 -0.43 -17.23 10.82
N VAL A 91 -0.67 -15.97 11.21
CA VAL A 91 -0.32 -15.57 12.58
C VAL A 91 -1.15 -16.35 13.59
N ARG A 92 -2.45 -16.52 13.33
CA ARG A 92 -3.29 -17.30 14.23
C ARG A 92 -2.80 -18.74 14.34
N HIS A 93 -2.42 -19.34 13.21
CA HIS A 93 -1.90 -20.70 13.23
C HIS A 93 -0.60 -20.78 14.01
N ALA A 94 0.25 -19.75 13.89
CA ALA A 94 1.52 -19.77 14.61
C ALA A 94 1.31 -19.60 16.12
N LYS A 95 0.37 -18.74 16.51
CA LYS A 95 0.04 -18.59 17.92
C LYS A 95 -0.50 -19.89 18.50
N ASN A 96 -1.38 -20.55 17.75
CA ASN A 96 -1.97 -21.81 18.22
C ASN A 96 -0.88 -22.85 18.50
N TYR A 97 0.06 -23.03 17.58
CA TYR A 97 1.03 -24.09 17.75
C TYR A 97 2.02 -23.76 18.86
N THR A 98 2.37 -22.49 19.04
CA THR A 98 3.23 -22.11 20.16
C THR A 98 2.55 -22.39 21.49
N ASN A 99 1.25 -22.10 21.58
CA ASN A 99 0.48 -22.46 22.78
C ASN A 99 0.42 -23.96 22.96
N ALA A 100 0.35 -24.71 21.85
CA ALA A 100 0.26 -26.17 21.95
C ALA A 100 1.57 -26.77 22.45
N MET A 101 2.71 -26.26 22.00
CA MET A 101 3.98 -26.79 22.49
C MET A 101 4.27 -26.33 23.91
N PHE A 102 3.63 -25.25 24.37
CA PHE A 102 3.73 -24.90 25.78
C PHE A 102 2.88 -25.83 26.64
N LYS A 103 1.67 -26.16 26.18
CA LYS A 103 0.85 -27.17 26.84
C LYS A 103 1.59 -28.50 26.96
N ASN A 104 2.26 -28.91 25.89
CA ASN A 104 2.83 -30.25 25.85
C ASN A 104 4.17 -30.32 26.55
N ASN A 105 5.03 -29.32 26.35
CA ASN A 105 6.40 -29.38 26.86
C ASN A 105 6.59 -28.67 28.19
N TYR A 106 5.84 -27.60 28.47
CA TYR A 106 6.02 -26.82 29.70
C TYR A 106 4.68 -26.52 30.33
N PRO A 107 3.99 -27.56 30.84
CA PRO A 107 2.72 -27.31 31.54
C PRO A 107 2.91 -26.48 32.80
N SER A 108 4.11 -26.48 33.38
CA SER A 108 4.39 -25.68 34.56
C SER A 108 4.44 -24.19 34.26
N LEU A 109 4.59 -23.81 32.99
CA LEU A 109 4.60 -22.41 32.59
C LEU A 109 3.22 -21.90 32.20
N THR A 110 2.26 -22.80 31.98
CA THR A 110 0.87 -22.41 31.74
C THR A 110 0.15 -22.20 33.07
N PRO A 111 -0.89 -21.36 33.10
CA PRO A 111 -1.52 -20.60 32.01
C PRO A 111 -0.85 -19.28 31.66
N GLN A 112 0.16 -18.89 32.44
CA GLN A 112 0.84 -17.63 32.15
C GLN A 112 1.40 -17.62 30.73
N ALA A 113 1.88 -18.79 30.27
CA ALA A 113 2.42 -18.88 28.92
C ALA A 113 1.42 -18.41 27.87
N PHE A 114 0.15 -18.76 28.04
CA PHE A 114 -0.86 -18.35 27.06
C PHE A 114 -1.02 -16.83 27.05
N GLU A 115 -0.71 -16.17 28.16
CA GLU A 115 -0.90 -14.72 28.22
C GLU A 115 0.18 -14.00 27.42
N PHE A 116 1.45 -14.33 27.63
CA PHE A 116 2.46 -13.59 26.89
C PHE A 116 2.65 -14.11 25.46
N VAL A 117 2.24 -15.34 25.17
CA VAL A 117 2.24 -15.80 23.78
C VAL A 117 1.17 -15.03 23.00
N GLY A 118 -0.03 -14.91 23.55
CA GLY A 118 -1.09 -14.18 22.87
C GLY A 118 -0.79 -12.71 22.71
N GLU A 119 -0.18 -12.09 23.74
CA GLU A 119 0.21 -10.70 23.62
C GLU A 119 1.27 -10.51 22.54
N PHE A 120 2.17 -11.48 22.40
CA PHE A 120 3.21 -11.38 21.39
C PHE A 120 2.62 -11.42 19.99
N PHE A 121 1.78 -12.41 19.72
CA PHE A 121 1.26 -12.58 18.36
C PHE A 121 0.19 -11.55 18.03
N THR A 122 -0.49 -11.01 19.05
CA THR A 122 -1.35 -9.85 18.82
C THR A 122 -0.52 -8.68 18.32
N ASP A 123 0.59 -8.39 18.99
CA ASP A 123 1.50 -7.37 18.51
C ASP A 123 2.09 -7.73 17.16
N VAL A 124 2.25 -9.03 16.87
CA VAL A 124 2.72 -9.46 15.55
C VAL A 124 1.76 -8.98 14.47
N SER A 125 0.47 -9.28 14.63
CA SER A 125 -0.52 -8.84 13.65
C SER A 125 -0.58 -7.33 13.57
N LEU A 126 -0.74 -6.66 14.72
CA LEU A 126 -0.79 -5.20 14.73
C LEU A 126 0.36 -4.57 13.97
N TYR A 127 1.55 -5.17 14.07
CA TYR A 127 2.69 -4.64 13.32
C TYR A 127 2.55 -4.91 11.83
N ILE A 128 2.08 -6.11 11.46
CA ILE A 128 1.91 -6.46 10.06
C ILE A 128 0.96 -5.48 9.37
N LEU A 129 -0.08 -5.05 10.10
CA LEU A 129 -1.09 -4.15 9.56
C LEU A 129 -0.71 -2.67 9.71
N GLY A 130 0.56 -2.36 9.93
CA GLY A 130 1.05 -1.01 9.84
C GLY A 130 1.07 -0.20 11.12
N SER A 131 0.52 -0.72 12.21
CA SER A 131 0.50 0.03 13.47
C SER A 131 1.92 0.22 14.00
N ASP A 132 2.10 1.29 14.78
CA ASP A 132 3.40 1.58 15.38
C ASP A 132 3.71 0.58 16.49
N ILE A 133 4.37 -0.51 16.14
CA ILE A 133 4.78 -1.53 17.09
C ILE A 133 6.28 -1.75 16.93
N ASN A 134 6.98 -1.85 18.05
CA ASN A 134 8.42 -2.09 18.04
C ASN A 134 8.68 -3.58 18.11
N VAL A 135 9.36 -4.11 17.10
CA VAL A 135 9.63 -5.55 17.04
C VAL A 135 10.53 -5.96 18.20
N ASP A 136 11.59 -5.18 18.44
CA ASP A 136 12.50 -5.49 19.54
C ASP A 136 11.79 -5.47 20.88
N ASP A 137 10.84 -4.55 21.05
CA ASP A 137 10.07 -4.51 22.30
C ASP A 137 9.15 -5.73 22.41
N MET A 138 8.63 -6.22 21.28
CA MET A 138 7.85 -7.45 21.28
C MET A 138 8.67 -8.61 21.82
N VAL A 139 9.76 -8.94 21.11
CA VAL A 139 10.61 -10.07 21.49
C VAL A 139 11.07 -9.93 22.94
N ASN A 140 11.49 -8.74 23.35
CA ASN A 140 11.91 -8.54 24.72
C ASN A 140 10.78 -8.84 25.69
N GLU A 141 9.70 -8.03 25.65
CA GLU A 141 8.57 -8.22 26.56
C GLU A 141 8.14 -9.67 26.67
N LEU A 142 8.26 -10.44 25.58
CA LEU A 142 8.01 -11.88 25.66
C LEU A 142 8.94 -12.55 26.66
N PHE A 143 10.24 -12.29 26.54
CA PHE A 143 11.21 -12.93 27.41
C PHE A 143 11.20 -12.32 28.81
N ASP A 144 10.82 -11.04 28.91
CA ASP A 144 10.61 -10.44 30.24
C ASP A 144 9.50 -11.15 31.01
N SER A 145 8.38 -11.47 30.35
CA SER A 145 7.29 -12.16 31.02
C SER A 145 7.57 -13.64 31.21
N LEU A 146 8.42 -14.22 30.36
CA LEU A 146 8.66 -15.66 30.40
C LEU A 146 9.64 -16.05 31.49
N PHE A 147 10.63 -15.21 31.78
CA PHE A 147 11.67 -15.60 32.74
C PHE A 147 11.13 -15.78 34.15
N PRO A 148 10.35 -14.86 34.74
CA PRO A 148 9.95 -15.05 36.14
C PRO A 148 9.20 -16.35 36.38
N VAL A 149 8.31 -16.74 35.46
CA VAL A 149 7.58 -17.99 35.63
C VAL A 149 8.51 -19.17 35.43
N ILE A 150 9.54 -19.04 34.59
CA ILE A 150 10.54 -20.11 34.46
C ILE A 150 11.30 -20.28 35.77
N TYR A 151 11.70 -19.16 36.39
CA TYR A 151 12.42 -19.24 37.65
C TYR A 151 11.51 -19.79 38.76
N THR A 152 10.31 -19.23 38.91
CA THR A 152 9.45 -19.61 40.03
C THR A 152 8.91 -21.02 39.90
N GLN A 153 8.70 -21.52 38.68
CA GLN A 153 8.07 -22.82 38.49
C GLN A 153 9.01 -23.92 38.07
N MET A 154 10.11 -23.62 37.40
CA MET A 154 11.02 -24.65 36.91
C MET A 154 12.34 -24.68 37.67
N MET A 155 12.88 -23.53 38.06
CA MET A 155 14.20 -23.46 38.68
C MET A 155 14.14 -23.45 40.20
N ASN A 156 13.34 -22.56 40.79
CA ASN A 156 13.18 -22.46 42.24
C ASN A 156 11.70 -22.49 42.57
N PRO A 157 11.11 -23.69 42.65
CA PRO A 157 9.70 -23.81 43.06
C PRO A 157 9.53 -23.40 44.51
N GLY A 158 8.76 -22.34 44.74
CA GLY A 158 8.54 -21.83 46.08
C GLY A 158 9.10 -20.44 46.30
N LEU A 164 6.06 -13.34 43.35
CA LEU A 164 4.96 -12.50 42.89
C LEU A 164 5.26 -11.02 43.11
N ASP A 165 5.73 -10.67 44.30
CA ASP A 165 6.15 -9.31 44.58
C ASP A 165 7.55 -9.02 44.06
N ILE A 166 8.36 -10.06 43.88
CA ILE A 166 9.75 -9.96 43.47
C ILE A 166 9.79 -10.00 41.94
N ASN A 167 8.61 -10.01 41.33
CA ASN A 167 8.51 -10.23 39.89
C ASN A 167 9.30 -9.21 39.10
N GLU A 168 9.26 -7.93 39.51
CA GLU A 168 9.94 -6.90 38.73
C GLU A 168 11.46 -7.00 38.86
N CYS A 169 11.95 -7.50 39.99
CA CYS A 169 13.38 -7.76 40.12
C CYS A 169 13.83 -8.84 39.15
N LEU A 170 13.00 -9.85 38.94
CA LEU A 170 13.34 -10.92 37.99
C LEU A 170 13.33 -10.42 36.55
N ARG A 171 12.37 -9.54 36.22
CA ARG A 171 12.26 -9.02 34.87
C ARG A 171 13.50 -8.21 34.50
N GLY A 172 14.04 -7.45 35.46
CA GLY A 172 15.27 -6.72 35.19
C GLY A 172 16.48 -7.62 35.10
N ALA A 173 16.52 -8.66 35.94
CA ALA A 173 17.62 -9.62 35.90
C ALA A 173 17.68 -10.40 34.60
N ARG A 174 16.56 -10.51 33.88
CA ARG A 174 16.55 -11.21 32.60
C ARG A 174 17.53 -10.59 31.62
N ARG A 175 17.46 -9.26 31.46
CA ARG A 175 18.30 -8.56 30.51
C ARG A 175 19.67 -8.20 31.08
N ASP A 176 19.70 -7.79 32.36
CA ASP A 176 20.97 -7.38 32.96
C ASP A 176 21.96 -8.54 33.04
N LEU A 177 21.47 -9.77 33.24
CA LEU A 177 22.33 -10.94 33.31
C LEU A 177 22.36 -11.74 32.01
N LYS A 178 21.64 -11.32 30.98
CA LYS A 178 21.62 -11.99 29.68
C LYS A 178 21.38 -13.49 29.83
N VAL A 179 20.33 -13.83 30.58
CA VAL A 179 20.08 -15.23 30.92
C VAL A 179 19.77 -16.05 29.68
N PHE A 180 19.15 -15.44 28.67
CA PHE A 180 18.75 -16.17 27.47
C PHE A 180 19.80 -16.10 26.36
N GLY A 181 20.99 -15.58 26.63
CA GLY A 181 22.02 -15.51 25.61
C GLY A 181 21.58 -14.69 24.43
N SER A 182 21.99 -15.13 23.24
CA SER A 182 21.65 -14.45 21.99
C SER A 182 20.29 -14.88 21.43
N PHE A 183 19.60 -15.81 22.10
CA PHE A 183 18.28 -16.22 21.64
C PHE A 183 17.33 -15.04 21.41
N PRO A 184 17.21 -14.07 22.33
CA PRO A 184 16.31 -12.93 22.03
C PRO A 184 16.74 -12.17 20.79
N LYS A 185 18.03 -11.86 20.66
CA LYS A 185 18.49 -11.15 19.47
C LYS A 185 18.34 -12.02 18.22
N LEU A 186 18.48 -13.34 18.36
CA LEU A 186 18.26 -14.24 17.23
C LEU A 186 16.82 -14.16 16.74
N ILE A 187 15.86 -14.32 17.67
CA ILE A 187 14.46 -14.18 17.31
C ILE A 187 14.17 -12.76 16.83
N MET A 188 14.80 -11.76 17.47
CA MET A 188 14.62 -10.37 17.09
C MET A 188 14.88 -10.14 15.61
N THR A 189 16.07 -10.54 15.15
CA THR A 189 16.40 -10.35 13.74
C THR A 189 15.59 -11.28 12.85
N GLN A 190 15.32 -12.51 13.31
CA GLN A 190 14.57 -13.47 12.51
C GLN A 190 13.18 -12.94 12.16
N VAL A 191 12.48 -12.36 13.13
CA VAL A 191 11.12 -11.92 12.90
C VAL A 191 11.05 -10.49 12.37
N SER A 192 11.99 -9.63 12.74
CA SER A 192 11.96 -8.25 12.24
C SER A 192 12.23 -8.19 10.74
N LYS A 193 13.02 -9.13 10.22
CA LYS A 193 13.27 -9.15 8.78
C LYS A 193 12.01 -9.56 8.01
N SER A 194 11.29 -10.56 8.51
CA SER A 194 10.11 -11.07 7.80
C SER A 194 8.87 -10.24 8.07
N LEU A 195 8.74 -9.64 9.25
CA LEU A 195 7.59 -8.80 9.53
C LEU A 195 7.69 -7.45 8.85
N GLN A 196 8.91 -6.96 8.62
CA GLN A 196 9.06 -5.70 7.92
C GLN A 196 8.71 -5.84 6.44
N VAL A 197 9.13 -6.94 5.80
CA VAL A 197 8.82 -7.12 4.39
C VAL A 197 7.33 -7.39 4.20
N THR A 198 6.70 -8.08 5.14
CA THR A 198 5.26 -8.30 5.04
C THR A 198 4.49 -7.00 5.28
N ARG A 199 4.94 -6.18 6.24
CA ARG A 199 4.26 -4.93 6.51
C ARG A 199 4.35 -3.98 5.33
N ILE A 200 5.54 -3.86 4.72
CA ILE A 200 5.68 -2.95 3.60
C ILE A 200 4.95 -3.49 2.38
N PHE A 201 4.87 -4.81 2.23
CA PHE A 201 4.10 -5.39 1.14
C PHE A 201 2.64 -4.96 1.21
N LEU A 202 2.06 -5.00 2.41
CA LEU A 202 0.69 -4.54 2.59
C LEU A 202 0.59 -3.03 2.43
N GLN A 203 1.54 -2.29 3.01
CA GLN A 203 1.54 -0.84 2.87
C GLN A 203 1.67 -0.43 1.42
N ALA A 204 2.45 -1.17 0.63
CA ALA A 204 2.61 -0.83 -0.78
C ALA A 204 1.32 -1.06 -1.55
N LEU A 205 0.63 -2.16 -1.30
CA LEU A 205 -0.65 -2.41 -1.97
C LEU A 205 -1.66 -1.31 -1.64
N ASN A 206 -1.78 -0.96 -0.36
CA ASN A 206 -2.76 0.05 0.04
C ASN A 206 -2.41 1.41 -0.55
N LEU A 207 -1.12 1.77 -0.55
CA LEU A 207 -0.73 3.05 -1.14
C LEU A 207 -0.97 3.04 -2.64
N GLY A 208 -0.77 1.90 -3.31
CA GLY A 208 -1.15 1.80 -4.71
C GLY A 208 -2.62 2.05 -4.92
N ILE A 209 -3.47 1.48 -4.05
CA ILE A 209 -4.90 1.80 -4.07
C ILE A 209 -5.09 3.30 -3.87
N GLU A 210 -4.31 3.90 -2.97
CA GLU A 210 -4.50 5.29 -2.61
C GLU A 210 -4.21 6.23 -3.78
N VAL A 211 -3.11 6.01 -4.50
CA VAL A 211 -2.75 6.93 -5.57
C VAL A 211 -3.62 6.71 -6.81
N ILE A 212 -4.02 5.46 -7.09
CA ILE A 212 -4.86 5.21 -8.25
C ILE A 212 -6.26 5.75 -8.02
N ASN A 213 -6.77 5.63 -6.80
CA ASN A 213 -8.02 6.26 -6.42
C ASN A 213 -7.91 7.79 -6.47
N THR A 214 -6.71 8.34 -6.34
CA THR A 214 -6.51 9.79 -6.40
C THR A 214 -6.56 10.31 -7.83
N THR A 215 -6.29 9.46 -8.82
CA THR A 215 -6.21 9.93 -10.21
C THR A 215 -7.53 10.51 -10.68
N ASP A 216 -8.63 9.79 -10.47
CA ASP A 216 -9.91 10.25 -10.98
C ASP A 216 -10.52 11.38 -10.18
N HIS A 217 -9.90 11.79 -9.07
CA HIS A 217 -10.28 13.00 -8.36
C HIS A 217 -9.34 14.17 -8.67
N LEU A 218 -8.49 14.05 -9.68
CA LEU A 218 -7.49 15.07 -9.99
C LEU A 218 -8.19 16.29 -10.57
N LYS A 219 -8.21 17.38 -9.81
CA LYS A 219 -8.72 18.65 -10.31
C LYS A 219 -7.69 19.29 -11.24
N PHE A 220 -8.17 19.85 -12.34
CA PHE A 220 -7.33 20.41 -13.38
C PHE A 220 -7.43 21.93 -13.41
N SER A 221 -6.57 22.54 -14.22
CA SER A 221 -6.52 23.98 -14.33
C SER A 221 -7.82 24.53 -14.93
N LYS A 222 -8.04 25.83 -14.72
CA LYS A 222 -9.21 26.47 -15.31
C LYS A 222 -9.08 26.57 -16.83
N ASP A 223 -7.84 26.70 -17.32
CA ASP A 223 -7.64 26.75 -18.77
C ASP A 223 -8.01 25.43 -19.43
N CYS A 224 -7.72 24.30 -18.76
CA CYS A 224 -8.09 23.01 -19.32
C CYS A 224 -9.60 22.82 -19.33
N GLY A 225 -10.28 23.27 -18.26
CA GLY A 225 -11.73 23.17 -18.23
C GLY A 225 -12.38 23.87 -19.40
N ARG A 226 -11.81 25.01 -19.81
CA ARG A 226 -12.33 25.69 -20.98
C ARG A 226 -11.95 24.96 -22.27
N MET A 227 -10.72 24.43 -22.33
CA MET A 227 -10.30 23.69 -23.53
C MET A 227 -11.13 22.42 -23.71
N LEU A 228 -11.38 21.68 -22.62
CA LEU A 228 -12.23 20.50 -22.71
C LEU A 228 -13.64 20.86 -23.14
N THR A 229 -14.18 21.97 -22.60
CA THR A 229 -15.50 22.42 -23.02
C THR A 229 -15.50 22.77 -24.50
N ARG A 230 -14.43 23.39 -24.99
CA ARG A 230 -14.34 23.69 -26.41
C ARG A 230 -14.25 22.41 -27.24
N MET A 231 -13.45 21.44 -26.77
CA MET A 231 -13.21 20.24 -27.55
C MET A 231 -14.47 19.37 -27.65
N TRP A 232 -15.26 19.31 -26.59
CA TRP A 232 -16.38 18.38 -26.50
C TRP A 232 -17.73 18.99 -26.84
N TYR A 233 -17.95 20.28 -26.55
CA TYR A 233 -19.31 20.80 -26.56
C TYR A 233 -19.51 22.09 -27.34
N CYS A 234 -18.46 22.90 -27.47
CA CYS A 234 -18.62 24.18 -28.14
C CYS A 234 -19.01 24.04 -29.61
N SER A 235 -18.85 22.84 -30.18
CA SER A 235 -19.37 22.60 -31.53
C SER A 235 -20.89 22.68 -31.55
N TYR A 236 -21.55 22.24 -30.47
CA TYR A 236 -23.00 22.31 -30.40
C TYR A 236 -23.50 23.75 -30.35
N CYS A 237 -22.69 24.66 -29.80
CA CYS A 237 -23.08 26.07 -29.76
C CYS A 237 -23.09 26.68 -31.15
N GLN A 238 -22.30 26.14 -32.07
CA GLN A 238 -22.29 26.63 -33.44
C GLN A 238 -23.32 25.92 -34.32
N GLY A 239 -24.14 25.05 -33.74
CA GLY A 239 -25.24 24.43 -34.47
C GLY A 239 -24.89 23.15 -35.20
N LEU A 240 -23.81 22.48 -34.83
CA LEU A 240 -23.37 21.26 -35.50
C LEU A 240 -23.87 20.05 -34.73
N MET A 241 -24.30 19.03 -35.45
CA MET A 241 -24.96 17.87 -34.84
C MET A 241 -24.06 16.65 -34.67
N MET A 242 -23.23 16.31 -35.67
CA MET A 242 -22.44 15.08 -35.59
C MET A 242 -20.94 15.33 -35.67
N VAL A 243 -20.48 16.57 -35.63
CA VAL A 243 -19.06 16.85 -35.78
C VAL A 243 -18.31 16.40 -34.53
N LYS A 244 -17.18 15.71 -34.74
CA LYS A 244 -16.31 15.25 -33.68
C LYS A 244 -15.02 16.06 -33.65
N PRO A 245 -14.41 16.23 -32.48
CA PRO A 245 -13.12 16.93 -32.41
C PRO A 245 -12.00 16.12 -33.06
N CYS A 246 -10.97 16.83 -33.49
CA CYS A 246 -9.86 16.19 -34.17
C CYS A 246 -9.01 15.40 -33.19
N GLY A 247 -8.47 14.28 -33.66
CA GLY A 247 -7.57 13.50 -32.82
C GLY A 247 -6.33 14.28 -32.43
N GLY A 248 -5.80 15.09 -33.35
CA GLY A 248 -4.66 15.91 -33.03
C GLY A 248 -5.00 17.01 -32.05
N TYR A 249 -6.17 17.63 -32.20
CA TYR A 249 -6.60 18.65 -31.25
C TYR A 249 -6.82 18.07 -29.86
N CYS A 250 -7.33 16.83 -29.80
CA CYS A 250 -7.46 16.16 -28.52
C CYS A 250 -6.09 15.87 -27.91
N ASN A 251 -5.10 15.59 -28.75
CA ASN A 251 -3.77 15.28 -28.26
C ASN A 251 -3.10 16.51 -27.63
N VAL A 252 -3.22 17.68 -28.29
CA VAL A 252 -2.62 18.88 -27.73
C VAL A 252 -3.38 19.34 -26.49
N VAL A 253 -4.68 19.08 -26.42
CA VAL A 253 -5.46 19.47 -25.24
C VAL A 253 -5.13 18.55 -24.08
N MET A 254 -5.12 17.24 -24.32
CA MET A 254 -4.84 16.28 -23.26
C MET A 254 -3.42 16.45 -22.73
N GLN A 255 -2.44 16.49 -23.64
CA GLN A 255 -1.07 16.81 -23.22
C GLN A 255 -1.01 18.16 -22.53
N GLY A 256 -1.97 19.05 -22.82
CA GLY A 256 -2.02 20.32 -22.12
C GLY A 256 -2.23 20.18 -20.63
N CYS A 257 -3.29 19.47 -20.21
CA CYS A 257 -3.61 19.39 -18.80
C CYS A 257 -3.04 18.18 -18.09
N MET A 258 -2.65 17.13 -18.81
CA MET A 258 -2.02 15.99 -18.20
C MET A 258 -0.51 16.12 -18.17
N ALA A 259 0.03 17.33 -18.39
CA ALA A 259 1.47 17.52 -18.37
C ALA A 259 2.05 17.16 -17.01
N GLY A 260 1.35 17.55 -15.93
CA GLY A 260 1.80 17.14 -14.61
C GLY A 260 1.48 15.69 -14.31
N VAL A 261 0.34 15.21 -14.82
CA VAL A 261 -0.07 13.84 -14.55
C VAL A 261 0.91 12.85 -15.19
N VAL A 262 1.36 13.16 -16.40
CA VAL A 262 2.25 12.26 -17.13
C VAL A 262 3.60 12.12 -16.42
N GLU A 263 4.02 13.16 -15.68
CA GLU A 263 5.28 13.10 -14.95
C GLU A 263 5.27 12.04 -13.85
N ILE A 264 4.08 11.59 -13.42
CA ILE A 264 3.99 10.53 -12.41
C ILE A 264 4.47 9.18 -12.96
N ASP A 265 4.55 9.05 -14.28
CA ASP A 265 4.80 7.76 -14.91
C ASP A 265 6.08 7.12 -14.39
N LYS A 266 7.19 7.86 -14.43
CA LYS A 266 8.48 7.34 -13.97
C LYS A 266 8.38 6.74 -12.58
N TYR A 267 7.72 7.44 -11.66
CA TYR A 267 7.61 6.97 -10.29
C TYR A 267 6.63 5.81 -10.17
N TRP A 268 5.55 5.83 -10.96
CA TRP A 268 4.62 4.69 -10.96
C TRP A 268 5.29 3.44 -11.50
N ARG A 269 6.11 3.59 -12.54
CA ARG A 269 6.88 2.45 -13.03
C ARG A 269 7.78 1.90 -11.91
N GLU A 270 8.69 2.74 -11.40
CA GLU A 270 9.60 2.31 -10.33
C GLU A 270 8.87 1.67 -9.17
N TYR A 271 7.63 2.09 -8.90
CA TYR A 271 6.83 1.41 -7.87
C TYR A 271 6.51 -0.01 -8.29
N ILE A 272 6.15 -0.22 -9.55
CA ILE A 272 5.82 -1.54 -10.03
C ILE A 272 7.05 -2.46 -9.96
N LEU A 273 8.18 -2.00 -10.51
CA LEU A 273 9.37 -2.87 -10.52
C LEU A 273 9.93 -3.06 -9.12
N SER A 274 9.87 -2.03 -8.28
CA SER A 274 10.33 -2.21 -6.90
C SER A 274 9.47 -3.23 -6.17
N LEU A 275 8.17 -3.23 -6.46
CA LEU A 275 7.28 -4.23 -5.87
C LEU A 275 7.60 -5.61 -6.38
N GLU A 276 7.96 -5.70 -7.67
CA GLU A 276 8.44 -6.96 -8.22
C GLU A 276 9.74 -7.39 -7.56
N GLU A 277 10.56 -6.44 -7.11
CA GLU A 277 11.83 -6.79 -6.48
C GLU A 277 11.60 -7.43 -5.12
N LEU A 278 10.54 -7.05 -4.41
CA LEU A 278 10.31 -7.56 -3.07
C LEU A 278 9.72 -8.96 -3.10
N VAL A 279 8.70 -9.17 -3.94
CA VAL A 279 8.08 -10.49 -4.02
C VAL A 279 9.10 -11.55 -4.39
N ASN A 280 9.99 -11.22 -5.33
CA ASN A 280 10.98 -12.18 -5.81
C ASN A 280 12.04 -12.44 -4.75
N ASP A 287 9.65 -17.29 3.86
CA ASP A 287 8.85 -16.08 4.00
C ASP A 287 8.69 -15.72 5.48
N MET A 288 7.49 -15.27 5.84
CA MET A 288 7.12 -15.04 7.23
C MET A 288 6.37 -16.21 7.84
N GLU A 289 5.86 -17.12 7.02
CA GLU A 289 5.23 -18.33 7.53
C GLU A 289 6.26 -19.17 8.27
N ASN A 290 7.27 -19.64 7.53
CA ASN A 290 8.27 -20.54 8.11
C ASN A 290 8.91 -19.96 9.36
N VAL A 291 9.08 -18.64 9.40
CA VAL A 291 9.65 -18.02 10.59
C VAL A 291 8.68 -18.08 11.76
N LEU A 292 7.44 -17.61 11.54
CA LEU A 292 6.45 -17.60 12.62
C LEU A 292 6.08 -19.02 13.05
N LEU A 293 6.03 -19.96 12.12
CA LEU A 293 5.82 -21.37 12.44
C LEU A 293 7.11 -22.10 12.79
N GLY A 294 8.09 -21.39 13.37
CA GLY A 294 9.29 -22.04 13.86
C GLY A 294 9.66 -21.44 15.21
N LEU A 295 8.85 -20.47 15.64
CA LEU A 295 9.16 -19.71 16.83
C LEU A 295 9.16 -20.58 18.08
N PHE A 296 8.21 -21.52 18.16
CA PHE A 296 8.18 -22.45 19.29
C PHE A 296 9.53 -23.15 19.45
N SER A 297 10.08 -23.65 18.35
CA SER A 297 11.34 -24.39 18.38
C SER A 297 12.45 -23.55 18.99
N THR A 298 12.56 -22.31 18.54
CA THR A 298 13.59 -21.42 19.08
C THR A 298 13.30 -21.09 20.55
N ILE A 299 12.03 -20.83 20.88
CA ILE A 299 11.68 -20.52 22.27
C ILE A 299 11.98 -21.71 23.17
N HIS A 300 11.53 -22.89 22.76
CA HIS A 300 11.77 -24.10 23.55
C HIS A 300 13.25 -24.30 23.80
N ASP A 301 14.07 -24.12 22.76
CA ASP A 301 15.51 -24.27 22.94
C ASP A 301 16.07 -23.17 23.84
N SER A 302 15.47 -21.99 23.83
CA SER A 302 15.93 -20.92 24.71
C SER A 302 15.62 -21.25 26.17
N ILE A 303 14.48 -21.92 26.43
CA ILE A 303 14.14 -22.32 27.79
C ILE A 303 15.09 -23.42 28.27
N GLN A 304 15.50 -24.32 27.36
CA GLN A 304 16.54 -25.27 27.69
C GLN A 304 17.85 -24.56 28.01
N TYR A 305 18.14 -23.50 27.26
CA TYR A 305 19.41 -22.79 27.42
C TYR A 305 19.52 -22.12 28.78
N VAL A 306 18.45 -21.46 29.23
CA VAL A 306 18.49 -20.81 30.53
C VAL A 306 18.54 -21.85 31.65
N GLN A 307 17.91 -23.01 31.45
CA GLN A 307 17.94 -24.07 32.46
C GLN A 307 19.30 -24.72 32.59
N LYS A 308 20.21 -24.50 31.63
CA LYS A 308 21.51 -25.16 31.66
C LYS A 308 22.44 -24.56 32.70
N ASN A 309 22.24 -23.28 33.06
CA ASN A 309 23.09 -22.61 34.04
C ASN A 309 22.30 -22.26 35.30
N GLY A 310 21.38 -23.13 35.70
CA GLY A 310 20.50 -22.80 36.81
C GLY A 310 21.21 -22.73 38.14
N GLY A 311 22.23 -23.55 38.35
CA GLY A 311 22.95 -23.57 39.61
C GLY A 311 23.49 -22.21 40.00
N LYS A 312 24.27 -21.60 39.12
CA LYS A 312 24.82 -20.26 39.41
C LYS A 312 23.75 -19.19 39.31
N LEU A 313 22.75 -19.37 38.45
CA LEU A 313 21.75 -18.33 38.23
C LEU A 313 20.86 -18.15 39.46
N THR A 314 20.40 -19.26 40.05
CA THR A 314 19.54 -19.16 41.22
C THR A 314 20.25 -18.48 42.38
N THR A 315 21.53 -18.79 42.59
CA THR A 315 22.27 -18.19 43.69
C THR A 315 22.53 -16.72 43.42
N THR A 316 22.95 -16.37 42.19
CA THR A 316 23.19 -14.97 41.86
C THR A 316 21.92 -14.14 41.99
N ILE A 317 20.78 -14.68 41.55
CA ILE A 317 19.54 -13.93 41.61
C ILE A 317 19.01 -13.88 43.04
N GLY A 318 19.17 -14.97 43.79
CA GLY A 318 18.80 -14.94 45.20
C GLY A 318 19.51 -13.84 45.95
N LYS A 319 20.79 -13.63 45.66
CA LYS A 319 21.52 -12.52 46.29
C LYS A 319 21.06 -11.19 45.73
N LEU A 320 20.84 -11.11 44.41
CA LEU A 320 20.46 -9.84 43.80
C LEU A 320 19.03 -9.45 44.16
N CYS A 321 18.14 -10.42 44.25
CA CYS A 321 16.74 -10.15 44.54
C CYS A 321 16.31 -10.74 45.88
N THR A 355 1.08 -21.72 -0.91
CA THR A 355 0.40 -21.13 -2.05
C THR A 355 0.37 -19.61 -1.94
N LEU A 356 1.05 -19.08 -0.93
CA LEU A 356 1.18 -17.63 -0.82
C LEU A 356 2.03 -17.07 -1.95
N SER A 357 3.24 -17.62 -2.14
CA SER A 357 4.16 -17.09 -3.15
C SER A 357 3.55 -17.14 -4.54
N SER A 358 2.72 -18.14 -4.84
CA SER A 358 2.03 -18.18 -6.12
C SER A 358 1.05 -17.03 -6.27
N ARG A 359 0.45 -16.58 -5.17
CA ARG A 359 -0.54 -15.51 -5.24
C ARG A 359 0.12 -14.17 -5.56
N ARG A 360 1.18 -13.81 -4.82
CA ARG A 360 1.85 -12.53 -5.09
C ARG A 360 2.63 -12.56 -6.41
N ARG A 361 2.95 -13.74 -6.93
CA ARG A 361 3.53 -13.81 -8.27
C ARG A 361 2.49 -13.48 -9.33
N GLU A 362 1.30 -14.06 -9.20
CA GLU A 362 0.23 -13.76 -10.16
C GLU A 362 -0.19 -12.29 -10.08
N LEU A 363 -0.19 -11.73 -8.86
CA LEU A 363 -0.51 -10.31 -8.71
C LEU A 363 0.47 -9.46 -9.47
N ILE A 364 1.77 -9.74 -9.33
CA ILE A 364 2.80 -8.96 -10.00
C ILE A 364 2.68 -9.09 -11.52
N GLN A 365 2.45 -10.29 -12.02
CA GLN A 365 2.30 -10.46 -13.46
C GLN A 365 1.08 -9.70 -13.96
N LYS A 366 0.02 -9.60 -13.15
CA LYS A 366 -1.12 -8.79 -13.52
C LYS A 366 -0.86 -7.30 -13.33
N LEU A 367 -0.01 -6.94 -12.37
CA LEU A 367 0.31 -5.53 -12.16
C LEU A 367 1.23 -5.00 -13.26
N LYS A 368 2.03 -5.88 -13.88
CA LYS A 368 2.92 -5.41 -14.92
C LYS A 368 2.19 -5.06 -16.20
N SER A 369 0.94 -5.50 -16.36
CA SER A 369 0.14 -5.09 -17.50
C SER A 369 -0.36 -3.65 -17.37
N PHE A 370 -0.19 -3.02 -16.21
CA PHE A 370 -0.62 -1.64 -15.97
C PHE A 370 0.56 -0.71 -15.77
N ILE A 371 1.75 -1.09 -16.23
CA ILE A 371 2.91 -0.23 -16.05
C ILE A 371 2.81 1.02 -16.93
N ASN A 372 1.98 1.00 -17.97
CA ASN A 372 1.81 2.12 -18.88
C ASN A 372 0.66 3.03 -18.48
N PHE A 373 0.13 2.87 -17.26
CA PHE A 373 -1.14 3.50 -16.89
C PHE A 373 -1.09 5.01 -17.05
N TYR A 374 -0.04 5.64 -16.53
CA TYR A 374 0.01 7.10 -16.56
C TYR A 374 0.44 7.64 -17.91
N SER A 375 1.25 6.89 -18.66
CA SER A 375 1.61 7.34 -20.01
C SER A 375 0.45 7.17 -20.99
N ALA A 376 -0.26 6.05 -20.91
CA ALA A 376 -1.38 5.81 -21.79
C ALA A 376 -2.63 6.59 -21.38
N LEU A 377 -2.58 7.33 -20.28
CA LEU A 377 -3.77 8.01 -19.79
C LEU A 377 -4.30 9.06 -20.75
N PRO A 378 -3.50 10.01 -21.25
CA PRO A 378 -4.04 10.92 -22.27
C PRO A 378 -4.50 10.19 -23.51
N GLY A 379 -3.85 9.09 -23.86
CA GLY A 379 -4.34 8.27 -24.96
C GLY A 379 -5.70 7.65 -24.66
N TYR A 380 -5.93 7.27 -23.40
CA TYR A 380 -7.24 6.71 -23.05
C TYR A 380 -8.33 7.76 -23.16
N ILE A 381 -8.09 8.97 -22.65
CA ILE A 381 -9.14 9.99 -22.64
C ILE A 381 -9.55 10.35 -24.06
N CYS A 382 -8.59 10.37 -24.98
CA CYS A 382 -8.91 10.70 -26.37
C CYS A 382 -9.54 9.52 -27.09
N SER A 383 -9.10 8.29 -26.79
CA SER A 383 -9.60 7.12 -27.50
C SER A 383 -10.97 6.66 -27.01
N HIS A 384 -11.42 7.11 -25.84
CA HIS A 384 -12.75 6.78 -25.35
C HIS A 384 -13.73 7.94 -25.45
N SER A 385 -13.27 9.10 -25.86
CA SER A 385 -14.15 10.19 -26.22
C SER A 385 -14.37 10.21 -27.72
N PRO A 386 -15.52 10.67 -28.19
CA PRO A 386 -15.75 10.73 -29.64
C PRO A 386 -14.82 11.72 -30.32
N VAL A 387 -13.88 11.22 -31.13
CA VAL A 387 -12.96 12.08 -31.87
C VAL A 387 -12.88 11.61 -33.31
N ALA A 388 -12.55 12.53 -34.21
CA ALA A 388 -12.28 12.21 -35.61
C ALA A 388 -10.80 11.90 -35.70
N GLU A 389 -10.47 10.61 -35.62
CA GLU A 389 -9.07 10.18 -35.66
C GLU A 389 -8.39 10.59 -36.95
N ASN A 390 -9.15 10.68 -38.05
CA ASN A 390 -8.58 11.01 -39.35
C ASN A 390 -8.12 12.46 -39.45
N ASP A 391 -8.43 13.31 -38.46
CA ASP A 391 -8.15 14.74 -38.52
C ASP A 391 -8.75 15.37 -39.77
N THR A 392 -9.87 14.81 -40.24
CA THR A 392 -10.59 15.30 -41.40
C THR A 392 -12.04 15.60 -41.01
N LEU A 393 -12.52 16.76 -41.45
CA LEU A 393 -13.90 17.20 -41.18
C LEU A 393 -14.20 17.12 -39.69
N CYS A 394 -13.39 17.85 -38.92
CA CYS A 394 -13.42 17.76 -37.47
C CYS A 394 -13.47 19.16 -36.86
N TRP A 395 -13.67 19.18 -35.54
CA TRP A 395 -13.80 20.39 -34.75
C TRP A 395 -12.47 20.69 -34.07
N ASN A 396 -11.95 21.90 -34.28
CA ASN A 396 -10.66 22.30 -33.73
C ASN A 396 -10.79 23.22 -32.51
N GLY A 397 -11.95 23.21 -31.85
CA GLY A 397 -12.20 24.06 -30.72
C GLY A 397 -12.92 25.35 -31.05
N GLN A 398 -12.83 25.82 -32.30
CA GLN A 398 -13.51 27.05 -32.69
C GLN A 398 -14.22 26.96 -34.03
N GLU A 399 -13.85 26.04 -34.92
CA GLU A 399 -14.47 25.96 -36.24
C GLU A 399 -14.29 24.55 -36.78
N LEU A 400 -15.12 24.20 -37.77
CA LEU A 400 -15.04 22.92 -38.46
C LEU A 400 -14.07 23.05 -39.63
N VAL A 401 -12.98 22.29 -39.58
CA VAL A 401 -11.91 22.42 -40.56
C VAL A 401 -11.87 21.17 -41.43
N GLU A 402 -11.19 21.30 -42.57
CA GLU A 402 -11.00 20.16 -43.46
C GLU A 402 -9.87 19.27 -42.98
N ARG A 403 -8.74 19.88 -42.60
CA ARG A 403 -7.64 19.17 -41.97
C ARG A 403 -7.16 19.99 -40.78
N TYR A 404 -6.55 19.32 -39.80
CA TYR A 404 -6.13 19.98 -38.58
C TYR A 404 -4.70 20.49 -38.71
N SER A 405 -4.44 21.66 -38.10
CA SER A 405 -3.16 22.33 -38.26
C SER A 405 -2.13 21.85 -37.25
N GLN A 406 -2.50 21.79 -35.98
CA GLN A 406 -1.58 21.49 -34.88
C GLN A 406 -0.44 22.49 -34.83
N GLU A 428 -0.67 20.67 -9.85
CA GLU A 428 0.65 20.43 -9.28
C GLU A 428 0.63 19.97 -7.81
N PRO A 429 -0.08 20.69 -6.92
CA PRO A 429 -0.01 20.30 -5.49
C PRO A 429 -0.45 18.87 -5.21
N VAL A 430 -1.57 18.44 -5.78
CA VAL A 430 -2.00 17.06 -5.59
C VAL A 430 -1.07 16.10 -6.32
N VAL A 431 -0.66 16.46 -7.54
CA VAL A 431 0.26 15.62 -8.30
C VAL A 431 1.58 15.46 -7.55
N SER A 432 2.07 16.54 -6.94
CA SER A 432 3.31 16.44 -6.16
C SER A 432 3.13 15.59 -4.92
N GLN A 433 1.92 15.57 -4.35
CA GLN A 433 1.65 14.67 -3.23
C GLN A 433 1.69 13.21 -3.68
N ILE A 434 1.15 12.92 -4.86
CA ILE A 434 1.23 11.56 -5.40
C ILE A 434 2.69 11.14 -5.57
N ILE A 435 3.52 12.05 -6.09
CA ILE A 435 4.91 11.71 -6.37
C ILE A 435 5.70 11.56 -5.07
N ASP A 436 5.39 12.39 -4.07
CA ASP A 436 6.06 12.29 -2.78
C ASP A 436 5.82 10.92 -2.14
N LYS A 437 4.55 10.50 -2.07
CA LYS A 437 4.22 9.20 -1.49
C LYS A 437 4.82 8.07 -2.31
N LEU A 438 4.87 8.21 -3.63
CA LEU A 438 5.53 7.22 -4.46
C LEU A 438 7.02 7.17 -4.17
N LYS A 439 7.66 8.35 -4.06
CA LYS A 439 9.08 8.38 -3.72
C LYS A 439 9.34 7.73 -2.36
N HIS A 440 8.54 8.09 -1.35
CA HIS A 440 8.71 7.50 -0.02
C HIS A 440 8.59 5.98 -0.07
N ILE A 441 7.57 5.46 -0.77
CA ILE A 441 7.39 4.02 -0.82
C ILE A 441 8.55 3.37 -1.57
N ASN A 442 8.85 3.84 -2.80
CA ASN A 442 9.88 3.20 -3.63
C ASN A 442 11.19 3.05 -2.87
N GLN A 443 11.60 4.10 -2.16
CA GLN A 443 12.78 3.99 -1.31
C GLN A 443 12.60 2.85 -0.30
N LEU A 444 11.43 2.79 0.34
CA LEU A 444 11.16 1.75 1.33
C LEU A 444 11.23 0.35 0.70
N LEU A 445 10.70 0.17 -0.51
CA LEU A 445 10.85 -1.11 -1.18
C LEU A 445 12.32 -1.44 -1.47
N ARG A 446 13.04 -0.53 -2.11
CA ARG A 446 14.38 -0.84 -2.57
C ARG A 446 15.30 -1.31 -1.44
N THR A 447 15.14 -0.76 -0.23
CA THR A 447 16.03 -1.14 0.88
C THR A 447 15.76 -2.55 1.41
N MET A 448 14.54 -3.07 1.27
CA MET A 448 14.26 -4.39 1.82
C MET A 448 14.85 -5.49 0.95
N SER A 449 14.86 -5.30 -0.36
CA SER A 449 15.48 -6.26 -1.27
C SER A 449 15.85 -5.59 -2.59
C1 NAG B . -6.69 -22.40 16.98
C2 NAG B . -7.12 -22.93 18.36
C3 NAG B . -8.60 -22.63 18.59
C4 NAG B . -8.88 -21.15 18.39
C5 NAG B . -8.36 -20.69 17.02
C6 NAG B . -8.49 -19.19 16.82
C7 NAG B . -5.82 -24.87 19.12
C8 NAG B . -5.72 -26.37 19.13
N2 NAG B . -6.87 -24.36 18.47
O3 NAG B . -8.93 -23.01 19.93
O4 NAG B . -10.29 -20.91 18.45
O5 NAG B . -6.98 -21.01 16.90
O6 NAG B . -7.30 -18.52 17.21
O7 NAG B . -4.99 -24.16 19.68
C1 NAG C . -11.33 7.06 -2.96
C2 NAG C . -11.51 6.32 -1.63
C3 NAG C . -12.78 6.78 -0.92
C4 NAG C . -12.78 8.30 -0.78
C5 NAG C . -12.61 8.94 -2.15
C6 NAG C . -12.55 10.45 -2.11
C7 NAG C . -10.52 4.08 -1.53
C8 NAG C . -10.71 2.62 -1.82
N2 NAG C . -11.54 4.87 -1.84
O3 NAG C . -12.82 6.18 0.37
O4 NAG C . -14.00 8.73 -0.20
O5 NAG C . -11.38 8.48 -2.73
O6 NAG C . -11.21 10.90 -1.93
O7 NAG C . -9.48 4.50 -1.02
#